data_6DGF
#
_entry.id   6DGF
#
_cell.length_a   159.978
_cell.length_b   58.093
_cell.length_c   46.842
_cell.angle_alpha   90.00
_cell.angle_beta   98.12
_cell.angle_gamma   90.00
#
_symmetry.space_group_name_H-M   'C 1 2 1'
#
loop_
_entity.id
_entity.type
_entity.pdbx_description
1 polymer 'Ubiquitin carboxyl-terminal hydrolase 2'
2 polymer Polyubiquitin-B
3 non-polymer 'ZINC ION'
4 non-polymer 'SULFATE ION'
5 water water
#
loop_
_entity_poly.entity_id
_entity_poly.type
_entity_poly.pdbx_seq_one_letter_code
_entity_poly.pdbx_strand_id
1 'polypeptide(L)'
;HHHHHHSSGLVPRGSSSPGRDGMNSKSAQGLAGLRNLGNTCFMNSILQCLSNTRELRDYCLQRLYMRDLHHGSNAHTALV
EEFAKLIQTIWTSSPNDVVSPSEFKTQIQRYAPRFVGYNQQDAQEFLRFLLDGLHNEVNRVTLRPKSNPENLDHLPDDEK
GRQMWRKYLEREDSRIGDLFVGQLKSSLTCTDCGYCSTVFDPFWDLSLPIAKRGYPEVTLMDCMRLFTKEDVLDGDEKPT
CCRCRGRKRCIKKFSIQRFPKILVLHLKRFSESRIRTSKLTTFVNFPLRDLDLREFASENTNHAVYNLYAVSNHSGTTMG
GHYTAYCRSPGTGEWHTFNDSSVTPMSSSQVRTSDAYLLFYELASPPSRM
;
A
2 'polypeptide(L)'
;MAHHHHHHVTSLYKKAGSTMCIFVCTLTGRCITLEVEPSDTIENVKAKIQDKEGIPPDQQRLIFAGKQLEDGRTLSDYNI
QKESTLHLVLRLR
;
B
#
# COMPACT_ATOMS: atom_id res chain seq x y z
N ALA A 28 10.92 26.57 0.73
CA ALA A 28 12.18 26.55 1.47
C ALA A 28 12.88 25.21 1.32
N GLN A 29 13.38 24.67 2.44
CA GLN A 29 14.12 23.43 2.42
C GLN A 29 13.33 22.23 2.94
N GLY A 30 12.25 22.46 3.69
CA GLY A 30 11.44 21.37 4.19
C GLY A 30 12.12 20.46 5.18
N LEU A 31 13.11 20.96 5.90
CA LEU A 31 13.88 20.15 6.85
C LEU A 31 13.42 20.39 8.29
N ALA A 32 12.11 20.39 8.50
CA ALA A 32 11.55 20.57 9.83
C ALA A 32 11.33 19.22 10.50
N GLY A 33 11.59 19.18 11.81
CA GLY A 33 11.25 18.01 12.58
C GLY A 33 9.79 18.00 12.99
N LEU A 34 9.35 16.84 13.48
CA LEU A 34 7.97 16.67 13.93
C LEU A 34 7.99 16.14 15.36
N ARG A 35 7.31 16.83 16.25
CA ARG A 35 7.35 16.47 17.67
C ARG A 35 6.62 15.16 17.90
N ASN A 36 7.24 14.27 18.68
CA ASN A 36 6.59 13.05 19.12
C ASN A 36 5.53 13.38 20.16
N LEU A 37 4.28 13.01 19.88
CA LEU A 37 3.17 13.25 20.79
C LEU A 37 2.88 12.06 21.69
N GLY A 38 3.74 11.03 21.65
CA GLY A 38 3.52 9.83 22.42
C GLY A 38 3.37 8.62 21.53
N ASN A 39 4.50 7.95 21.24
CA ASN A 39 4.53 6.78 20.35
C ASN A 39 3.96 7.12 18.98
N THR A 40 4.18 8.35 18.52
CA THR A 40 3.68 8.79 17.22
C THR A 40 4.77 8.84 16.16
N CYS A 41 5.92 8.21 16.40
CA CYS A 41 6.99 8.22 15.41
C CYS A 41 6.57 7.52 14.12
N PHE A 42 5.67 6.54 14.22
CA PHE A 42 5.09 5.95 13.01
C PHE A 42 4.40 7.01 12.16
N MET A 43 3.71 7.95 12.82
CA MET A 43 2.98 8.98 12.10
C MET A 43 3.94 10.00 11.49
N ASN A 44 4.92 10.44 12.28
CA ASN A 44 5.93 11.37 11.76
C ASN A 44 6.67 10.77 10.58
N SER A 45 6.97 9.48 10.63
CA SER A 45 7.69 8.82 9.55
C SER A 45 6.89 8.90 8.24
N ILE A 46 5.60 8.57 8.30
CA ILE A 46 4.77 8.60 7.10
C ILE A 46 4.57 10.05 6.64
N LEU A 47 4.34 10.97 7.58
CA LEU A 47 4.12 12.36 7.23
C LEU A 47 5.30 12.94 6.45
N GLN A 48 6.52 12.55 6.79
CA GLN A 48 7.68 13.05 6.09
C GLN A 48 7.85 12.41 4.72
N CYS A 49 7.50 11.12 4.59
CA CYS A 49 7.49 10.50 3.27
C CYS A 49 6.50 11.18 2.34
N LEU A 50 5.30 11.51 2.86
CA LEU A 50 4.33 12.24 2.06
C LEU A 50 4.78 13.68 1.83
N SER A 51 5.36 14.31 2.85
CA SER A 51 5.88 15.67 2.71
C SER A 51 6.89 15.76 1.58
N ASN A 52 7.66 14.70 1.34
CA ASN A 52 8.65 14.67 0.27
C ASN A 52 8.16 13.93 -0.97
N THR A 53 6.86 13.65 -1.04
CA THR A 53 6.25 13.22 -2.30
C THR A 53 5.91 14.48 -3.07
N ARG A 54 6.73 14.79 -4.09
CA ARG A 54 6.75 16.11 -4.71
C ARG A 54 5.34 16.57 -5.11
N GLU A 55 4.66 15.78 -5.93
CA GLU A 55 3.37 16.22 -6.47
C GLU A 55 2.30 16.31 -5.38
N LEU A 56 2.37 15.45 -4.36
CA LEU A 56 1.44 15.58 -3.24
C LEU A 56 1.76 16.81 -2.41
N ARG A 57 3.05 17.13 -2.25
CA ARG A 57 3.42 18.32 -1.51
C ARG A 57 2.99 19.58 -2.25
N ASP A 58 3.22 19.63 -3.57
CA ASP A 58 2.81 20.79 -4.35
C ASP A 58 1.29 20.95 -4.37
N TYR A 59 0.55 19.83 -4.30
CA TYR A 59 -0.89 19.89 -4.16
C TYR A 59 -1.30 20.72 -2.95
N CYS A 60 -0.54 20.60 -1.85
CA CYS A 60 -0.83 21.35 -0.64
C CYS A 60 -0.29 22.78 -0.72
N LEU A 61 0.95 22.94 -1.19
CA LEU A 61 1.59 24.25 -1.16
C LEU A 61 0.90 25.22 -2.11
N GLN A 62 0.46 24.74 -3.27
CA GLN A 62 -0.24 25.58 -4.23
C GLN A 62 -1.74 25.65 -3.97
N ARG A 63 -2.22 24.99 -2.93
CA ARG A 63 -3.63 25.03 -2.51
C ARG A 63 -4.58 24.56 -3.61
N LEU A 64 -4.13 23.62 -4.43
CA LEU A 64 -5.02 23.01 -5.43
C LEU A 64 -6.13 22.21 -4.78
N TYR A 65 -5.97 21.82 -3.51
CA TYR A 65 -7.00 21.05 -2.82
C TYR A 65 -8.26 21.86 -2.54
N MET A 66 -8.15 23.20 -2.53
CA MET A 66 -9.33 24.02 -2.27
C MET A 66 -10.39 23.82 -3.33
N ARG A 67 -9.98 23.72 -4.60
CA ARG A 67 -10.92 23.50 -5.69
C ARG A 67 -11.54 22.11 -5.67
N ASP A 68 -10.98 21.18 -4.91
CA ASP A 68 -11.48 19.81 -4.88
C ASP A 68 -12.29 19.48 -3.63
N LEU A 69 -12.20 20.30 -2.59
CA LEU A 69 -12.99 20.07 -1.39
C LEU A 69 -14.48 20.18 -1.71
N HIS A 70 -15.28 19.43 -0.96
CA HIS A 70 -16.72 19.38 -1.20
C HIS A 70 -17.44 20.44 -0.38
N HIS A 71 -18.57 20.89 -0.91
CA HIS A 71 -19.39 21.91 -0.27
C HIS A 71 -20.82 21.41 -0.17
N GLY A 72 -21.69 22.22 0.42
CA GLY A 72 -23.03 21.76 0.64
C GLY A 72 -23.11 20.80 1.82
N SER A 73 -24.23 20.08 1.87
CA SER A 73 -24.50 19.21 3.00
C SER A 73 -23.59 17.98 2.98
N ASN A 74 -23.30 17.47 4.17
CA ASN A 74 -22.53 16.24 4.38
C ASN A 74 -21.10 16.35 3.85
N ALA A 75 -20.56 17.57 3.79
CA ALA A 75 -19.18 17.76 3.42
C ALA A 75 -18.26 17.60 4.62
N HIS A 76 -17.07 17.07 4.37
CA HIS A 76 -16.05 16.92 5.41
C HIS A 76 -14.70 17.32 4.82
N THR A 77 -14.03 18.27 5.48
CA THR A 77 -12.81 18.85 4.94
C THR A 77 -11.68 18.98 5.96
N ALA A 78 -11.93 18.75 7.24
CA ALA A 78 -10.95 19.12 8.27
C ALA A 78 -9.67 18.31 8.16
N LEU A 79 -9.77 17.04 7.78
CA LEU A 79 -8.57 16.21 7.68
C LEU A 79 -7.64 16.70 6.58
N VAL A 80 -8.20 17.02 5.40
CA VAL A 80 -7.38 17.53 4.31
C VAL A 80 -6.82 18.90 4.66
N GLU A 81 -7.62 19.75 5.28
CA GLU A 81 -7.16 21.11 5.60
C GLU A 81 -6.01 21.07 6.59
N GLU A 82 -6.12 20.23 7.63
CA GLU A 82 -5.04 20.18 8.62
C GLU A 82 -3.81 19.48 8.08
N PHE A 83 -3.99 18.51 7.17
CA PHE A 83 -2.83 17.89 6.52
C PHE A 83 -2.09 18.89 5.65
N ALA A 84 -2.83 19.67 4.86
CA ALA A 84 -2.20 20.65 3.98
C ALA A 84 -1.50 21.75 4.79
N LYS A 85 -2.13 22.22 5.86
CA LYS A 85 -1.50 23.24 6.69
C LYS A 85 -0.21 22.73 7.32
N LEU A 86 -0.18 21.45 7.69
CA LEU A 86 1.05 20.87 8.22
C LEU A 86 2.13 20.82 7.16
N ILE A 87 1.78 20.41 5.93
CA ILE A 87 2.75 20.39 4.84
C ILE A 87 3.23 21.80 4.53
N GLN A 88 2.32 22.77 4.55
CA GLN A 88 2.70 24.15 4.31
C GLN A 88 3.60 24.68 5.43
N THR A 89 3.37 24.23 6.66
CA THR A 89 4.23 24.66 7.77
C THR A 89 5.63 24.06 7.65
N ILE A 90 5.72 22.82 7.15
CA ILE A 90 7.03 22.16 7.04
C ILE A 90 7.89 22.86 6.00
N TRP A 91 7.29 23.33 4.91
CA TRP A 91 8.04 23.90 3.79
C TRP A 91 8.10 25.42 3.82
N THR A 92 7.70 26.05 4.93
CA THR A 92 7.95 27.47 5.15
C THR A 92 8.74 27.71 6.43
N SER A 93 9.21 26.65 7.08
CA SER A 93 9.94 26.76 8.33
C SER A 93 11.44 26.91 8.06
N SER A 94 12.15 27.35 9.09
CA SER A 94 13.61 27.46 9.03
C SER A 94 14.24 26.13 9.41
N PRO A 95 15.51 25.92 9.05
CA PRO A 95 16.21 24.71 9.51
C PRO A 95 16.24 24.65 11.04
N ASN A 96 16.20 23.42 11.55
CA ASN A 96 16.18 23.09 12.97
C ASN A 96 14.86 23.42 13.64
N ASP A 97 13.82 23.73 12.88
CA ASP A 97 12.50 23.98 13.48
C ASP A 97 11.78 22.66 13.74
N VAL A 98 11.04 22.62 14.84
CA VAL A 98 10.27 21.45 15.22
C VAL A 98 8.79 21.82 15.18
N VAL A 99 8.03 21.11 14.34
CA VAL A 99 6.61 21.36 14.15
C VAL A 99 5.82 20.35 14.96
N SER A 100 4.70 20.80 15.55
CA SER A 100 3.83 19.91 16.30
C SER A 100 2.64 19.53 15.43
N PRO A 101 2.46 18.25 15.11
CA PRO A 101 1.30 17.86 14.29
C PRO A 101 0.11 17.43 15.14
N SER A 102 -0.08 18.08 16.29
CA SER A 102 -1.12 17.63 17.21
C SER A 102 -2.52 17.90 16.65
N GLU A 103 -2.70 19.00 15.93
CA GLU A 103 -4.01 19.29 15.35
C GLU A 103 -4.33 18.33 14.21
N PHE A 104 -3.31 17.93 13.44
CA PHE A 104 -3.53 16.93 12.40
C PHE A 104 -3.90 15.58 13.03
N LYS A 105 -3.24 15.21 14.12
CA LYS A 105 -3.55 13.96 14.78
C LYS A 105 -4.99 13.92 15.26
N THR A 106 -5.49 15.06 15.76
CA THR A 106 -6.89 15.14 16.15
C THR A 106 -7.81 14.79 14.99
N GLN A 107 -7.45 15.21 13.78
CA GLN A 107 -8.31 14.98 12.62
C GLN A 107 -8.17 13.55 12.08
N ILE A 108 -6.94 13.00 12.05
CA ILE A 108 -6.78 11.64 11.54
C ILE A 108 -7.41 10.64 12.49
N GLN A 109 -7.38 10.89 13.80
CA GLN A 109 -8.01 9.98 14.73
C GLN A 109 -9.52 10.12 14.75
N ARG A 110 -10.04 11.32 14.44
CA ARG A 110 -11.47 11.46 14.20
C ARG A 110 -11.90 10.63 13.00
N TYR A 111 -11.10 10.64 11.94
CA TYR A 111 -11.43 9.84 10.76
C TYR A 111 -11.17 8.36 10.99
N ALA A 112 -10.07 8.02 11.65
CA ALA A 112 -9.69 6.63 11.88
C ALA A 112 -9.51 6.41 13.38
N PRO A 113 -10.52 5.86 14.08
CA PRO A 113 -10.43 5.76 15.54
C PRO A 113 -9.34 4.84 16.05
N ARG A 114 -8.66 4.09 15.17
CA ARG A 114 -7.54 3.26 15.60
C ARG A 114 -6.42 4.10 16.20
N PHE A 115 -6.28 5.34 15.74
CA PHE A 115 -5.16 6.19 16.14
C PHE A 115 -5.54 7.17 17.25
N VAL A 116 -6.71 6.99 17.87
CA VAL A 116 -7.00 7.66 19.13
C VAL A 116 -6.05 7.12 20.19
N GLY A 117 -5.56 8.01 21.04
CA GLY A 117 -4.66 7.61 22.09
C GLY A 117 -3.20 7.76 21.71
N TYR A 118 -2.35 7.04 22.43
CA TYR A 118 -0.91 7.22 22.32
C TYR A 118 -0.18 5.88 22.43
N ASN A 119 -0.60 4.92 21.61
CA ASN A 119 0.10 3.67 21.44
C ASN A 119 0.80 3.67 20.08
N GLN A 120 1.87 2.88 19.97
CA GLN A 120 2.55 2.75 18.70
C GLN A 120 1.65 2.01 17.71
N GLN A 121 1.70 2.43 16.45
CA GLN A 121 0.90 1.83 15.39
C GLN A 121 1.80 1.45 14.23
N ASP A 122 1.24 0.72 13.28
CA ASP A 122 1.97 0.31 12.10
C ASP A 122 1.90 1.41 11.04
N ALA A 123 3.05 1.72 10.45
CA ALA A 123 3.13 2.86 9.53
C ALA A 123 2.31 2.65 8.27
N GLN A 124 2.23 1.43 7.75
CA GLN A 124 1.46 1.22 6.54
C GLN A 124 -0.04 1.16 6.83
N GLU A 125 -0.43 0.70 8.02
CA GLU A 125 -1.82 0.83 8.43
C GLU A 125 -2.21 2.30 8.52
N PHE A 126 -1.32 3.12 9.07
CA PHE A 126 -1.58 4.56 9.14
C PHE A 126 -1.62 5.17 7.75
N LEU A 127 -0.72 4.75 6.86
CA LEU A 127 -0.70 5.28 5.50
C LEU A 127 -1.99 4.96 4.76
N ARG A 128 -2.51 3.75 4.93
CA ARG A 128 -3.73 3.37 4.21
C ARG A 128 -4.93 4.16 4.71
N PHE A 129 -5.03 4.37 6.02
CA PHE A 129 -6.15 5.14 6.56
C PHE A 129 -6.03 6.62 6.22
N LEU A 130 -4.82 7.17 6.30
CA LEU A 130 -4.64 8.59 6.01
C LEU A 130 -4.95 8.90 4.56
N LEU A 131 -4.34 8.16 3.63
CA LEU A 131 -4.60 8.38 2.21
C LEU A 131 -6.07 8.11 1.87
N ASP A 132 -6.71 7.18 2.58
CA ASP A 132 -8.14 6.95 2.38
C ASP A 132 -8.95 8.18 2.75
N GLY A 133 -8.62 8.81 3.89
CA GLY A 133 -9.37 9.98 4.32
C GLY A 133 -9.10 11.20 3.47
N LEU A 134 -7.84 11.43 3.11
CA LEU A 134 -7.50 12.54 2.23
C LEU A 134 -8.19 12.41 0.88
N HIS A 135 -8.13 11.21 0.29
CA HIS A 135 -8.73 10.98 -1.02
C HIS A 135 -10.24 11.12 -0.97
N ASN A 136 -10.86 10.69 0.14
CA ASN A 136 -12.32 10.75 0.23
C ASN A 136 -12.83 12.19 0.26
N GLU A 137 -12.06 13.10 0.86
CA GLU A 137 -12.50 14.48 0.98
C GLU A 137 -12.16 15.33 -0.24
N VAL A 138 -11.38 14.81 -1.18
CA VAL A 138 -11.11 15.48 -2.45
C VAL A 138 -11.57 14.64 -3.64
N ASN A 139 -12.36 13.60 -3.40
CA ASN A 139 -12.81 12.73 -4.47
C ASN A 139 -13.74 13.47 -5.42
N ARG A 140 -13.54 13.26 -6.72
CA ARG A 140 -14.47 13.73 -7.74
C ARG A 140 -15.64 12.75 -7.80
N VAL A 141 -16.41 12.72 -6.72
CA VAL A 141 -17.47 11.75 -6.54
C VAL A 141 -18.83 12.30 -6.95
N ASP A 153 -14.80 -12.08 -20.78
CA ASP A 153 -16.07 -12.10 -21.51
C ASP A 153 -15.84 -12.12 -23.02
N HIS A 154 -16.18 -11.02 -23.68
CA HIS A 154 -16.04 -10.89 -25.12
C HIS A 154 -14.91 -9.94 -25.53
N LEU A 155 -14.26 -9.28 -24.57
CA LEU A 155 -13.23 -8.31 -24.90
C LEU A 155 -11.84 -8.90 -24.66
N PRO A 156 -10.86 -8.46 -25.46
CA PRO A 156 -9.47 -8.84 -25.17
C PRO A 156 -9.03 -8.31 -23.81
N ASP A 157 -7.91 -8.87 -23.33
CA ASP A 157 -7.48 -8.58 -21.96
C ASP A 157 -7.21 -7.09 -21.76
N ASP A 158 -6.58 -6.45 -22.75
CA ASP A 158 -6.21 -5.04 -22.59
C ASP A 158 -7.43 -4.14 -22.49
N GLU A 159 -8.44 -4.37 -23.35
CA GLU A 159 -9.61 -3.50 -23.33
C GLU A 159 -10.48 -3.78 -22.11
N LYS A 160 -10.57 -5.05 -21.69
CA LYS A 160 -11.29 -5.36 -20.45
C LYS A 160 -10.62 -4.69 -19.25
N GLY A 161 -9.29 -4.64 -19.24
CA GLY A 161 -8.60 -3.92 -18.19
C GLY A 161 -8.90 -2.42 -18.22
N ARG A 162 -8.94 -1.85 -19.43
CA ARG A 162 -9.25 -0.43 -19.55
C ARG A 162 -10.68 -0.13 -19.08
N GLN A 163 -11.63 -1.01 -19.41
CA GLN A 163 -13.02 -0.79 -19.01
C GLN A 163 -13.19 -0.95 -17.50
N MET A 164 -12.53 -1.96 -16.91
CA MET A 164 -12.59 -2.11 -15.46
C MET A 164 -11.95 -0.92 -14.75
N TRP A 165 -10.95 -0.30 -15.37
CA TRP A 165 -10.36 0.91 -14.80
C TRP A 165 -11.34 2.06 -14.84
N ARG A 166 -12.06 2.22 -15.96
CA ARG A 166 -13.05 3.29 -16.06
C ARG A 166 -14.16 3.11 -15.03
N LYS A 167 -14.59 1.87 -14.80
CA LYS A 167 -15.62 1.63 -13.79
C LYS A 167 -15.11 1.93 -12.39
N TYR A 168 -13.82 1.75 -12.14
CA TYR A 168 -13.25 2.15 -10.86
C TYR A 168 -13.25 3.67 -10.72
N LEU A 169 -12.90 4.38 -11.79
CA LEU A 169 -12.90 5.85 -11.76
C LEU A 169 -14.30 6.44 -11.64
N GLU A 170 -15.34 5.65 -11.94
CA GLU A 170 -16.71 6.11 -11.70
C GLU A 170 -17.02 6.20 -10.21
N ARG A 171 -16.21 5.57 -9.37
CA ARG A 171 -16.41 5.60 -7.93
C ARG A 171 -15.25 6.23 -7.17
N GLU A 172 -14.03 6.19 -7.72
CA GLU A 172 -12.86 6.73 -7.04
C GLU A 172 -12.03 7.49 -8.07
N ASP A 173 -11.92 8.81 -7.91
CA ASP A 173 -11.14 9.63 -8.82
C ASP A 173 -10.78 10.93 -8.11
N SER A 174 -9.52 11.07 -7.74
CA SER A 174 -9.03 12.30 -7.11
C SER A 174 -7.62 12.58 -7.61
N ARG A 175 -7.14 13.79 -7.30
CA ARG A 175 -5.76 14.13 -7.62
C ARG A 175 -4.78 13.29 -6.82
N ILE A 176 -5.17 12.85 -5.64
CA ILE A 176 -4.33 11.96 -4.85
C ILE A 176 -4.31 10.56 -5.44
N GLY A 177 -5.48 10.07 -5.88
CA GLY A 177 -5.52 8.79 -6.54
C GLY A 177 -4.76 8.76 -7.86
N ASP A 178 -4.64 9.92 -8.50
CA ASP A 178 -3.86 10.00 -9.74
C ASP A 178 -2.38 9.74 -9.54
N LEU A 179 -1.90 9.75 -8.29
CA LEU A 179 -0.49 9.52 -7.97
C LEU A 179 -0.21 8.08 -7.58
N PHE A 180 -1.03 7.50 -6.71
CA PHE A 180 -0.72 6.24 -6.06
C PHE A 180 -1.35 5.02 -6.69
N VAL A 181 -2.47 5.17 -7.40
CA VAL A 181 -3.28 4.01 -7.77
C VAL A 181 -2.74 3.36 -9.03
N GLY A 182 -2.46 2.05 -8.94
CA GLY A 182 -2.23 1.22 -10.09
C GLY A 182 -3.34 0.19 -10.26
N GLN A 183 -3.12 -0.72 -11.20
CA GLN A 183 -4.07 -1.78 -11.50
C GLN A 183 -3.34 -3.11 -11.59
N LEU A 184 -3.74 -4.06 -10.74
CA LEU A 184 -3.21 -5.42 -10.78
C LEU A 184 -4.08 -6.28 -11.70
N LYS A 185 -3.43 -7.18 -12.43
CA LYS A 185 -4.12 -8.17 -13.23
C LYS A 185 -3.82 -9.55 -12.64
N SER A 186 -4.88 -10.30 -12.35
CA SER A 186 -4.75 -11.65 -11.81
C SER A 186 -5.31 -12.63 -12.83
N SER A 187 -4.45 -13.53 -13.31
CA SER A 187 -4.82 -14.53 -14.31
C SER A 187 -4.93 -15.88 -13.63
N LEU A 188 -6.10 -16.50 -13.72
CA LEU A 188 -6.39 -17.78 -13.09
C LEU A 188 -6.77 -18.78 -14.16
N THR A 189 -5.88 -19.72 -14.44
CA THR A 189 -6.06 -20.68 -15.52
C THR A 189 -6.41 -22.04 -14.95
N CYS A 190 -7.58 -22.55 -15.31
CA CYS A 190 -7.98 -23.89 -14.88
C CYS A 190 -7.18 -24.94 -15.65
N THR A 191 -6.58 -25.88 -14.92
CA THR A 191 -5.74 -26.88 -15.55
C THR A 191 -6.53 -27.97 -16.27
N ASP A 192 -7.86 -27.96 -16.15
CA ASP A 192 -8.70 -28.97 -16.79
C ASP A 192 -9.20 -28.50 -18.15
N CYS A 193 -9.83 -27.33 -18.21
CA CYS A 193 -10.39 -26.81 -19.45
C CYS A 193 -9.52 -25.74 -20.11
N GLY A 194 -8.53 -25.21 -19.40
CA GLY A 194 -7.62 -24.24 -19.98
C GLY A 194 -8.13 -22.81 -20.04
N TYR A 195 -9.34 -22.54 -19.54
CA TYR A 195 -9.85 -21.17 -19.55
C TYR A 195 -9.06 -20.32 -18.57
N CYS A 196 -8.65 -19.14 -19.01
CA CYS A 196 -7.91 -18.20 -18.18
C CYS A 196 -8.87 -17.08 -17.75
N SER A 197 -9.30 -17.13 -16.49
CA SER A 197 -10.13 -16.09 -15.92
C SER A 197 -9.26 -14.94 -15.42
N THR A 198 -9.59 -13.72 -15.83
CA THR A 198 -8.79 -12.54 -15.54
C THR A 198 -9.63 -11.52 -14.79
N VAL A 199 -9.08 -11.01 -13.68
CA VAL A 199 -9.69 -9.90 -12.95
C VAL A 199 -8.64 -8.81 -12.77
N PHE A 200 -9.13 -7.59 -12.59
CA PHE A 200 -8.28 -6.41 -12.50
C PHE A 200 -8.59 -5.68 -11.20
N ASP A 201 -7.68 -5.79 -10.23
CA ASP A 201 -7.85 -5.14 -8.94
C ASP A 201 -6.99 -3.89 -8.88
N PRO A 202 -7.57 -2.70 -8.66
CA PRO A 202 -6.73 -1.53 -8.39
C PRO A 202 -5.95 -1.69 -7.10
N PHE A 203 -4.86 -0.94 -6.98
CA PHE A 203 -4.05 -0.99 -5.78
C PHE A 203 -3.43 0.38 -5.51
N TRP A 204 -3.32 0.72 -4.23
CA TRP A 204 -2.61 1.92 -3.79
C TRP A 204 -1.20 1.61 -3.32
N ASP A 205 -0.88 0.35 -3.07
CA ASP A 205 0.46 -0.08 -2.72
C ASP A 205 0.53 -1.58 -2.95
N LEU A 206 1.75 -2.12 -2.87
CA LEU A 206 1.99 -3.54 -3.04
C LEU A 206 2.69 -4.07 -1.80
N SER A 207 2.09 -5.06 -1.14
CA SER A 207 2.70 -5.73 0.00
C SER A 207 3.43 -6.97 -0.52
N LEU A 208 4.76 -6.95 -0.45
CA LEU A 208 5.55 -8.00 -1.09
C LEU A 208 6.07 -8.98 -0.05
N PRO A 209 5.98 -10.28 -0.31
CA PRO A 209 6.57 -11.26 0.60
C PRO A 209 8.08 -11.24 0.53
N ILE A 210 8.71 -11.49 1.67
CA ILE A 210 10.17 -11.55 1.74
C ILE A 210 10.62 -12.88 1.16
N ALA A 211 11.32 -12.84 0.04
CA ALA A 211 11.74 -14.05 -0.67
C ALA A 211 12.92 -14.72 0.05
N LYS A 212 12.65 -15.17 1.27
CA LYS A 212 13.66 -15.85 2.07
C LYS A 212 13.88 -17.27 1.60
N TYR A 215 19.93 -17.73 3.89
CA TYR A 215 19.49 -16.59 3.09
C TYR A 215 19.86 -15.27 3.78
N PRO A 216 21.07 -14.79 3.53
CA PRO A 216 21.53 -13.55 4.18
C PRO A 216 20.84 -12.31 3.63
N GLU A 217 20.87 -12.15 2.30
CA GLU A 217 20.26 -11.00 1.65
C GLU A 217 19.25 -11.47 0.61
N VAL A 218 18.24 -10.63 0.39
CA VAL A 218 17.21 -10.86 -0.61
C VAL A 218 17.04 -9.56 -1.39
N THR A 219 16.99 -9.65 -2.71
CA THR A 219 16.78 -8.44 -3.49
C THR A 219 15.31 -8.09 -3.57
N LEU A 220 15.04 -6.80 -3.81
CA LEU A 220 13.67 -6.37 -4.03
C LEU A 220 13.09 -7.01 -5.28
N MET A 221 13.91 -7.18 -6.32
CA MET A 221 13.47 -7.87 -7.52
C MET A 221 13.04 -9.30 -7.20
N ASP A 222 13.75 -9.97 -6.31
CA ASP A 222 13.36 -11.31 -5.90
C ASP A 222 11.99 -11.30 -5.22
N CYS A 223 11.74 -10.32 -4.36
CA CYS A 223 10.44 -10.21 -3.70
C CYS A 223 9.33 -9.93 -4.70
N MET A 224 9.63 -9.18 -5.76
CA MET A 224 8.63 -8.95 -6.80
C MET A 224 8.39 -10.20 -7.63
N ARG A 225 9.44 -10.99 -7.87
CA ARG A 225 9.28 -12.23 -8.63
C ARG A 225 8.47 -13.25 -7.85
N LEU A 226 8.62 -13.30 -6.53
CA LEU A 226 7.81 -14.20 -5.72
C LEU A 226 6.36 -13.75 -5.70
N PHE A 227 6.12 -12.44 -5.63
CA PHE A 227 4.76 -11.91 -5.67
C PHE A 227 4.08 -12.26 -7.00
N THR A 228 4.83 -12.20 -8.09
CA THR A 228 4.29 -12.43 -9.43
C THR A 228 4.52 -13.86 -9.92
N LYS A 229 4.96 -14.76 -9.05
CA LYS A 229 5.21 -16.13 -9.46
C LYS A 229 3.90 -16.89 -9.64
N GLU A 230 3.92 -17.86 -10.56
CA GLU A 230 2.76 -18.71 -10.77
C GLU A 230 2.45 -19.48 -9.49
N ASP A 231 1.18 -19.45 -9.08
CA ASP A 231 0.73 -20.06 -7.84
C ASP A 231 -0.18 -21.23 -8.17
N VAL A 232 0.27 -22.44 -7.82
CA VAL A 232 -0.52 -23.65 -8.05
C VAL A 232 -1.55 -23.76 -6.93
N LEU A 233 -2.83 -23.61 -7.28
CA LEU A 233 -3.92 -23.72 -6.32
C LEU A 233 -4.46 -25.14 -6.37
N ASP A 234 -3.97 -25.98 -5.46
CA ASP A 234 -4.42 -27.36 -5.37
C ASP A 234 -4.79 -27.72 -3.94
N GLY A 235 -5.10 -28.99 -3.69
CA GLY A 235 -5.53 -29.39 -2.37
C GLY A 235 -6.85 -28.75 -2.04
N ASP A 236 -6.96 -28.18 -0.83
CA ASP A 236 -8.16 -27.49 -0.41
C ASP A 236 -8.18 -26.04 -0.83
N GLU A 237 -7.19 -25.59 -1.60
CA GLU A 237 -7.20 -24.26 -2.20
C GLU A 237 -7.64 -24.30 -3.66
N LYS A 238 -8.23 -25.40 -4.11
CA LYS A 238 -8.75 -25.50 -5.47
C LYS A 238 -9.97 -24.59 -5.61
N PRO A 239 -9.93 -23.60 -6.48
CA PRO A 239 -11.10 -22.74 -6.68
C PRO A 239 -12.12 -23.39 -7.62
N THR A 240 -13.33 -22.86 -7.58
CA THR A 240 -14.39 -23.32 -8.46
C THR A 240 -14.20 -22.77 -9.86
N CYS A 241 -14.18 -23.65 -10.86
CA CYS A 241 -14.16 -23.25 -12.25
C CYS A 241 -15.59 -23.30 -12.77
N CYS A 242 -16.14 -22.13 -13.13
CA CYS A 242 -17.52 -22.07 -13.58
C CYS A 242 -17.73 -22.82 -14.89
N ARG A 243 -16.70 -22.87 -15.75
CA ARG A 243 -16.82 -23.61 -16.99
C ARG A 243 -16.92 -25.10 -16.72
N CYS A 244 -16.01 -25.65 -15.91
CA CYS A 244 -16.05 -27.06 -15.55
C CYS A 244 -17.13 -27.37 -14.54
N ARG A 245 -17.67 -26.35 -13.86
CA ARG A 245 -18.71 -26.53 -12.85
C ARG A 245 -18.24 -27.41 -11.69
N GLY A 246 -17.10 -27.04 -11.12
CA GLY A 246 -16.54 -27.78 -10.00
C GLY A 246 -15.20 -27.19 -9.60
N ARG A 247 -14.71 -27.66 -8.45
CA ARG A 247 -13.41 -27.24 -7.97
C ARG A 247 -12.30 -27.91 -8.76
N LYS A 248 -11.40 -27.11 -9.32
CA LYS A 248 -10.32 -27.61 -10.14
C LYS A 248 -9.00 -27.01 -9.69
N ARG A 249 -7.92 -27.75 -9.92
CA ARG A 249 -6.59 -27.18 -9.77
C ARG A 249 -6.40 -26.05 -10.76
N CYS A 250 -5.98 -24.90 -10.27
CA CYS A 250 -5.81 -23.71 -11.10
C CYS A 250 -4.45 -23.10 -10.81
N ILE A 251 -3.96 -22.33 -11.78
CA ILE A 251 -2.70 -21.61 -11.66
C ILE A 251 -3.00 -20.12 -11.67
N LYS A 252 -2.59 -19.44 -10.60
CA LYS A 252 -2.82 -18.01 -10.43
C LYS A 252 -1.52 -17.24 -10.65
N LYS A 253 -1.62 -16.10 -11.32
CA LYS A 253 -0.42 -15.32 -11.62
C LYS A 253 -0.76 -13.83 -11.63
N PHE A 254 0.02 -13.06 -10.88
CA PHE A 254 -0.12 -11.60 -10.82
C PHE A 254 0.71 -10.94 -11.90
N SER A 255 0.18 -9.85 -12.46
CA SER A 255 0.95 -8.94 -13.30
C SER A 255 0.38 -7.55 -13.11
N ILE A 256 1.11 -6.55 -13.58
CA ILE A 256 0.75 -5.15 -13.37
C ILE A 256 0.23 -4.59 -14.69
N GLN A 257 -1.07 -4.30 -14.72
CA GLN A 257 -1.67 -3.74 -15.93
C GLN A 257 -1.42 -2.24 -16.04
N ARG A 258 -1.43 -1.53 -14.92
CA ARG A 258 -1.20 -0.10 -14.89
C ARG A 258 -0.20 0.24 -13.79
N PHE A 259 0.87 0.96 -14.15
CA PHE A 259 1.88 1.37 -13.19
C PHE A 259 1.57 2.77 -12.67
N PRO A 260 1.54 2.98 -11.35
CA PRO A 260 1.24 4.30 -10.81
C PRO A 260 2.46 5.23 -10.87
N LYS A 261 2.17 6.53 -10.78
CA LYS A 261 3.24 7.53 -10.76
C LYS A 261 4.07 7.41 -9.49
N ILE A 262 3.43 7.07 -8.37
CA ILE A 262 4.10 6.82 -7.11
C ILE A 262 3.81 5.38 -6.70
N LEU A 263 4.85 4.55 -6.64
CA LEU A 263 4.72 3.14 -6.29
C LEU A 263 5.22 2.95 -4.86
N VAL A 264 4.32 2.57 -3.97
CA VAL A 264 4.65 2.30 -2.57
C VAL A 264 4.77 0.80 -2.39
N LEU A 265 5.95 0.36 -1.92
CA LEU A 265 6.23 -1.05 -1.72
C LEU A 265 6.35 -1.32 -0.22
N HIS A 266 5.51 -2.22 0.29
CA HIS A 266 5.41 -2.52 1.70
C HIS A 266 5.93 -3.94 1.93
N LEU A 267 7.06 -4.06 2.65
CA LEU A 267 7.70 -5.35 2.84
C LEU A 267 7.07 -6.09 4.01
N LYS A 268 6.56 -7.30 3.74
CA LYS A 268 5.91 -8.12 4.75
C LYS A 268 6.95 -8.68 5.72
N ARG A 269 7.37 -7.83 6.65
CA ARG A 269 8.43 -8.19 7.60
C ARG A 269 7.86 -8.91 8.83
N PHE A 270 7.06 -9.95 8.63
CA PHE A 270 6.53 -10.67 9.77
C PHE A 270 6.38 -12.15 9.43
N SER A 271 6.57 -12.98 10.45
CA SER A 271 6.17 -14.38 10.45
C SER A 271 5.25 -14.61 11.65
N GLU A 272 4.50 -15.69 11.61
CA GLU A 272 3.57 -16.02 12.68
C GLU A 272 4.02 -17.32 13.35
N SER A 273 4.19 -17.25 14.67
CA SER A 273 4.68 -18.39 15.45
C SER A 273 3.84 -18.48 16.72
N ARG A 274 2.87 -19.40 16.71
CA ARG A 274 2.02 -19.68 17.86
C ARG A 274 1.34 -18.40 18.36
N ILE A 275 0.60 -17.75 17.43
CA ILE A 275 -0.27 -16.62 17.72
C ILE A 275 0.55 -15.34 17.93
N ARG A 276 1.87 -15.48 18.04
CA ARG A 276 2.76 -14.35 18.28
C ARG A 276 3.35 -13.86 16.96
N THR A 277 3.20 -12.57 16.69
CA THR A 277 3.78 -11.95 15.50
C THR A 277 5.27 -11.74 15.69
N SER A 278 6.07 -12.21 14.74
CA SER A 278 7.52 -12.12 14.80
C SER A 278 8.04 -11.32 13.63
N LYS A 279 8.84 -10.29 13.91
CA LYS A 279 9.36 -9.42 12.86
C LYS A 279 10.48 -10.12 12.10
N LEU A 280 10.46 -9.98 10.78
CA LEU A 280 11.51 -10.51 9.92
C LEU A 280 12.53 -9.41 9.65
N THR A 281 13.73 -9.55 10.24
CA THR A 281 14.78 -8.55 10.11
C THR A 281 15.70 -8.82 8.92
N THR A 282 15.26 -9.62 7.95
CA THR A 282 16.09 -9.96 6.80
C THR A 282 16.42 -8.72 5.98
N PHE A 283 17.69 -8.56 5.64
CA PHE A 283 18.12 -7.42 4.84
C PHE A 283 17.62 -7.58 3.40
N VAL A 284 16.84 -6.61 2.94
CA VAL A 284 16.30 -6.61 1.58
C VAL A 284 17.07 -5.56 0.78
N ASN A 285 17.74 -6.00 -0.29
CA ASN A 285 18.58 -5.13 -1.11
C ASN A 285 17.71 -4.51 -2.20
N PHE A 286 17.21 -3.30 -1.92
CA PHE A 286 16.44 -2.51 -2.86
C PHE A 286 17.33 -1.43 -3.48
N PRO A 287 17.14 -1.12 -4.77
CA PRO A 287 17.98 -0.11 -5.42
C PRO A 287 17.47 1.30 -5.24
N LEU A 288 18.41 2.24 -5.31
CA LEU A 288 18.06 3.65 -5.23
C LEU A 288 17.63 4.21 -6.58
N ARG A 289 18.14 3.65 -7.68
CA ARG A 289 17.89 4.19 -9.00
C ARG A 289 17.58 3.04 -9.97
N ASP A 290 16.77 3.37 -10.99
CA ASP A 290 16.51 2.47 -12.11
C ASP A 290 15.96 1.11 -11.65
N LEU A 291 14.89 1.16 -10.87
CA LEU A 291 14.13 -0.04 -10.53
C LEU A 291 13.26 -0.39 -11.75
N ASP A 292 13.67 -1.43 -12.48
CA ASP A 292 13.06 -1.79 -13.76
C ASP A 292 12.05 -2.91 -13.53
N LEU A 293 10.76 -2.58 -13.62
CA LEU A 293 9.69 -3.54 -13.40
C LEU A 293 8.97 -3.92 -14.69
N ARG A 294 9.64 -3.75 -15.85
CA ARG A 294 9.00 -4.06 -17.12
C ARG A 294 8.68 -5.54 -17.25
N GLU A 295 9.42 -6.40 -16.56
CA GLU A 295 9.18 -7.84 -16.67
C GLU A 295 7.94 -8.29 -15.92
N PHE A 296 7.41 -7.46 -15.03
CA PHE A 296 6.20 -7.78 -14.27
C PHE A 296 4.95 -7.19 -14.89
N ALA A 297 5.04 -6.62 -16.08
CA ALA A 297 3.90 -5.98 -16.71
C ALA A 297 3.02 -6.99 -17.43
N SER A 298 1.73 -6.66 -17.54
CA SER A 298 0.82 -7.51 -18.30
C SER A 298 1.16 -7.49 -19.79
N GLU A 299 1.44 -6.31 -20.34
CA GLU A 299 1.91 -6.16 -21.70
C GLU A 299 3.31 -5.56 -21.67
N ASN A 300 4.23 -6.15 -22.44
CA ASN A 300 5.62 -5.73 -22.45
C ASN A 300 5.71 -4.32 -23.05
N THR A 301 5.50 -3.33 -22.20
CA THR A 301 5.61 -1.91 -22.56
C THR A 301 6.49 -1.22 -21.52
N ASN A 302 7.36 -0.33 -21.99
CA ASN A 302 8.58 0.03 -21.26
C ASN A 302 8.38 1.05 -20.16
N HIS A 303 7.35 1.90 -20.22
CA HIS A 303 7.18 2.98 -19.26
C HIS A 303 6.97 2.45 -17.84
N ALA A 304 8.01 1.87 -17.24
CA ALA A 304 7.87 1.24 -15.92
C ALA A 304 9.20 1.17 -15.17
N VAL A 305 9.94 2.27 -15.12
CA VAL A 305 11.20 2.34 -14.37
C VAL A 305 11.04 3.40 -13.29
N TYR A 306 11.49 3.08 -12.09
CA TYR A 306 11.27 3.90 -10.91
C TYR A 306 12.60 4.31 -10.28
N ASN A 307 12.56 5.40 -9.52
CA ASN A 307 13.68 5.86 -8.70
C ASN A 307 13.18 6.08 -7.27
N LEU A 308 14.03 5.74 -6.31
CA LEU A 308 13.66 5.87 -4.91
C LEU A 308 13.74 7.32 -4.46
N TYR A 309 12.78 7.73 -3.63
CA TYR A 309 12.81 9.06 -3.02
C TYR A 309 12.48 9.08 -1.54
N ALA A 310 11.91 8.02 -0.97
CA ALA A 310 11.60 8.01 0.45
C ALA A 310 11.59 6.56 0.95
N VAL A 311 11.94 6.39 2.22
CA VAL A 311 11.92 5.09 2.90
C VAL A 311 11.41 5.31 4.31
N SER A 312 10.50 4.45 4.76
CA SER A 312 10.01 4.44 6.14
C SER A 312 10.62 3.24 6.84
N ASN A 313 11.41 3.51 7.89
CA ASN A 313 12.18 2.48 8.58
C ASN A 313 11.52 2.10 9.89
N HIS A 314 11.56 0.81 10.21
CA HIS A 314 11.19 0.30 11.52
C HIS A 314 12.38 -0.46 12.09
N SER A 315 12.93 0.04 13.20
CA SER A 315 14.04 -0.60 13.88
C SER A 315 13.58 -1.12 15.23
N GLY A 316 14.25 -2.16 15.70
CA GLY A 316 13.94 -2.75 16.98
C GLY A 316 13.04 -3.96 16.88
N THR A 317 12.41 -4.27 18.01
CA THR A 317 11.58 -5.47 18.13
C THR A 317 10.22 -5.24 17.48
N THR A 318 9.45 -6.33 17.39
CA THR A 318 8.11 -6.26 16.79
C THR A 318 7.21 -5.32 17.57
N MET A 319 7.29 -5.36 18.90
CA MET A 319 6.65 -4.39 19.77
C MET A 319 7.73 -3.58 20.48
N GLY A 320 7.48 -2.29 20.63
CA GLY A 320 8.47 -1.41 21.23
C GLY A 320 9.53 -0.94 20.26
N GLY A 321 9.30 -1.07 18.96
CA GLY A 321 10.22 -0.57 17.97
C GLY A 321 10.09 0.93 17.73
N HIS A 322 10.90 1.42 16.81
CA HIS A 322 11.00 2.85 16.54
C HIS A 322 10.95 3.08 15.03
N TYR A 323 10.26 4.15 14.63
CA TYR A 323 10.10 4.50 13.23
C TYR A 323 10.90 5.76 12.89
N THR A 324 11.57 5.74 11.75
CA THR A 324 12.22 6.90 11.18
C THR A 324 11.89 6.98 9.69
N ALA A 325 12.42 7.99 9.03
CA ALA A 325 12.23 8.15 7.59
C ALA A 325 13.49 8.71 6.96
N TYR A 326 13.86 8.14 5.80
CA TYR A 326 14.88 8.70 4.93
C TYR A 326 14.17 9.28 3.72
N CYS A 327 14.35 10.58 3.47
CA CYS A 327 13.63 11.26 2.42
C CYS A 327 14.58 12.07 1.55
N ARG A 328 14.42 11.93 0.23
CA ARG A 328 15.16 12.73 -0.74
C ARG A 328 14.41 14.03 -1.00
N SER A 329 15.11 15.15 -0.85
CA SER A 329 14.46 16.44 -1.04
C SER A 329 14.15 16.65 -2.52
N PRO A 330 12.91 17.03 -2.88
CA PRO A 330 12.61 17.24 -4.30
C PRO A 330 13.42 18.36 -4.93
N GLY A 331 13.68 19.44 -4.19
CA GLY A 331 14.34 20.59 -4.78
C GLY A 331 15.83 20.40 -4.95
N THR A 332 16.48 19.75 -3.98
CA THR A 332 17.93 19.59 -4.01
C THR A 332 18.39 18.18 -4.34
N GLY A 333 17.54 17.17 -4.17
CA GLY A 333 17.98 15.81 -4.39
C GLY A 333 18.88 15.25 -3.30
N GLU A 334 19.00 15.94 -2.17
CA GLU A 334 19.81 15.47 -1.06
C GLU A 334 18.95 14.68 -0.08
N TRP A 335 19.54 13.63 0.47
CA TRP A 335 18.83 12.76 1.41
C TRP A 335 18.99 13.27 2.84
N HIS A 336 17.97 13.05 3.65
CA HIS A 336 17.98 13.46 5.05
C HIS A 336 17.32 12.39 5.90
N THR A 337 17.79 12.27 7.14
CA THR A 337 17.18 11.39 8.12
C THR A 337 16.19 12.20 8.94
N PHE A 338 14.93 11.76 8.96
CA PHE A 338 13.89 12.37 9.77
C PHE A 338 13.56 11.42 10.91
N ASN A 339 14.00 11.77 12.12
CA ASN A 339 13.73 10.99 13.32
C ASN A 339 12.99 11.92 14.28
N ASP A 340 11.66 11.92 14.16
CA ASP A 340 10.82 12.81 14.94
C ASP A 340 11.34 14.24 14.84
N SER A 341 11.71 14.84 15.97
CA SER A 341 12.08 16.26 15.99
C SER A 341 13.47 16.54 15.42
N SER A 342 14.27 15.52 15.11
CA SER A 342 15.65 15.71 14.66
C SER A 342 15.76 15.41 13.17
N VAL A 343 16.34 16.35 12.43
CA VAL A 343 16.59 16.23 11.00
C VAL A 343 18.07 16.45 10.75
N THR A 344 18.73 15.47 10.16
CA THR A 344 20.16 15.52 9.88
C THR A 344 20.45 15.07 8.46
N PRO A 345 21.54 15.55 7.87
CA PRO A 345 21.90 15.09 6.52
C PRO A 345 22.36 13.65 6.52
N MET A 346 22.28 13.03 5.35
CA MET A 346 22.75 11.66 5.18
C MET A 346 23.18 11.46 3.73
N SER A 347 24.15 10.58 3.54
CA SER A 347 24.56 10.20 2.20
C SER A 347 23.61 9.16 1.62
N SER A 348 23.54 9.13 0.29
CA SER A 348 22.67 8.15 -0.37
C SER A 348 23.10 6.72 -0.08
N SER A 349 24.38 6.49 0.24
CA SER A 349 24.86 5.16 0.59
C SER A 349 24.41 4.70 1.97
N GLN A 350 23.73 5.56 2.74
CA GLN A 350 23.21 5.20 4.05
C GLN A 350 21.72 4.89 4.03
N VAL A 351 21.05 5.08 2.89
CA VAL A 351 19.59 4.93 2.85
C VAL A 351 19.21 3.46 2.91
N ARG A 352 19.97 2.58 2.25
CA ARG A 352 19.62 1.18 2.15
C ARG A 352 20.06 0.44 3.40
N THR A 353 19.11 0.08 4.26
CA THR A 353 19.37 -0.66 5.48
C THR A 353 18.35 -1.78 5.62
N SER A 354 18.56 -2.63 6.63
CA SER A 354 17.64 -3.72 6.91
C SER A 354 16.37 -3.26 7.60
N ASP A 355 16.31 -2.01 8.06
CA ASP A 355 15.12 -1.51 8.74
C ASP A 355 14.05 -1.03 7.76
N ALA A 356 14.35 -0.99 6.46
CA ALA A 356 13.40 -0.49 5.48
C ALA A 356 12.10 -1.30 5.52
N TYR A 357 10.99 -0.62 5.76
CA TYR A 357 9.67 -1.23 5.87
C TYR A 357 8.75 -0.84 4.73
N LEU A 358 8.72 0.45 4.37
CA LEU A 358 7.96 0.93 3.23
C LEU A 358 8.91 1.69 2.32
N LEU A 359 8.89 1.34 1.03
CA LEU A 359 9.69 2.02 0.02
C LEU A 359 8.79 2.88 -0.85
N PHE A 360 9.22 4.11 -1.12
CA PHE A 360 8.46 5.06 -1.93
C PHE A 360 9.23 5.33 -3.21
N TYR A 361 8.67 4.91 -4.33
CA TYR A 361 9.30 5.07 -5.64
C TYR A 361 8.45 6.00 -6.52
N GLU A 362 9.12 6.75 -7.37
CA GLU A 362 8.47 7.62 -8.34
C GLU A 362 8.84 7.17 -9.75
N LEU A 363 7.85 7.20 -10.64
CA LEU A 363 8.02 6.70 -11.99
C LEU A 363 8.87 7.67 -12.81
N ALA A 364 9.90 7.14 -13.46
CA ALA A 364 10.79 7.96 -14.27
C ALA A 364 10.22 8.15 -15.68
N SER A 365 10.77 9.14 -16.38
CA SER A 365 10.32 9.42 -17.73
C SER A 365 10.85 8.36 -18.71
N PRO A 366 10.09 8.07 -19.77
CA PRO A 366 10.56 7.12 -20.79
C PRO A 366 11.85 7.61 -21.44
N PRO A 367 12.56 6.75 -22.16
CA PRO A 367 13.84 7.17 -22.76
C PRO A 367 13.66 8.33 -23.72
N SER A 368 14.61 9.26 -23.68
CA SER A 368 14.57 10.42 -24.55
C SER A 368 15.01 10.05 -25.96
N ARG A 369 14.37 10.66 -26.95
CA ARG A 369 14.69 10.38 -28.35
C ARG A 369 16.02 11.05 -28.70
N MET A 370 16.98 10.26 -29.18
CA MET A 370 18.33 10.73 -29.48
C MET A 370 18.97 11.43 -28.28
N SER B 18 -25.35 -17.26 -4.23
CA SER B 18 -24.42 -16.35 -4.88
C SER B 18 -23.01 -16.54 -4.34
N THR B 19 -22.61 -17.79 -4.13
CA THR B 19 -21.30 -18.10 -3.57
C THR B 19 -20.20 -17.89 -4.61
N MET B 20 -19.05 -17.42 -4.14
CA MET B 20 -17.93 -17.12 -5.01
C MET B 20 -16.63 -17.48 -4.31
N CYS B 21 -15.56 -17.59 -5.10
CA CYS B 21 -14.22 -17.85 -4.60
C CYS B 21 -13.42 -16.56 -4.65
N ILE B 22 -12.88 -16.16 -3.51
CA ILE B 22 -11.91 -15.07 -3.43
C ILE B 22 -10.60 -15.65 -2.91
N PHE B 23 -9.54 -14.87 -3.06
CA PHE B 23 -8.21 -15.31 -2.68
C PHE B 23 -7.61 -14.36 -1.64
N VAL B 24 -6.79 -14.92 -0.77
CA VAL B 24 -6.07 -14.15 0.25
C VAL B 24 -4.58 -14.42 0.07
N CYS B 25 -3.82 -13.35 -0.19
CA CYS B 25 -2.37 -13.47 -0.32
C CYS B 25 -1.76 -13.53 1.08
N THR B 26 -1.24 -14.70 1.45
CA THR B 26 -0.70 -14.90 2.79
C THR B 26 0.67 -14.24 2.91
N LEU B 27 1.30 -14.45 4.07
CA LEU B 27 2.58 -13.79 4.35
C LEU B 27 3.71 -14.30 3.46
N THR B 28 3.60 -15.51 2.94
CA THR B 28 4.65 -16.09 2.10
C THR B 28 4.47 -15.80 0.62
N GLY B 29 3.35 -15.21 0.22
CA GLY B 29 3.06 -14.94 -1.17
C GLY B 29 2.07 -15.92 -1.79
N ARG B 30 1.98 -17.13 -1.25
CA ARG B 30 0.98 -18.08 -1.72
C ARG B 30 -0.42 -17.62 -1.34
N CYS B 31 -1.39 -17.96 -2.17
CA CYS B 31 -2.78 -17.58 -1.95
C CYS B 31 -3.56 -18.77 -1.39
N ILE B 32 -4.47 -18.49 -0.47
CA ILE B 32 -5.48 -19.45 -0.05
C ILE B 32 -6.80 -19.04 -0.67
N THR B 33 -7.70 -20.02 -0.81
CA THR B 33 -8.98 -19.83 -1.46
C THR B 33 -10.09 -19.89 -0.42
N LEU B 34 -11.00 -18.91 -0.47
CA LEU B 34 -12.12 -18.81 0.46
C LEU B 34 -13.42 -18.92 -0.31
N GLU B 35 -14.35 -19.73 0.21
CA GLU B 35 -15.70 -19.83 -0.32
C GLU B 35 -16.58 -18.86 0.47
N VAL B 36 -17.07 -17.81 -0.19
CA VAL B 36 -17.72 -16.71 0.50
C VAL B 36 -18.98 -16.28 -0.24
N GLU B 37 -19.85 -15.57 0.48
CA GLU B 37 -20.96 -14.83 -0.06
C GLU B 37 -20.65 -13.34 -0.03
N PRO B 38 -21.20 -12.56 -0.97
CA PRO B 38 -20.96 -11.11 -0.92
C PRO B 38 -21.42 -10.46 0.38
N SER B 39 -22.44 -11.03 1.03
CA SER B 39 -22.93 -10.50 2.30
C SER B 39 -22.14 -11.00 3.50
N ASP B 40 -21.06 -11.75 3.28
CA ASP B 40 -20.25 -12.24 4.40
C ASP B 40 -19.51 -11.09 5.06
N THR B 41 -19.50 -11.09 6.39
CA THR B 41 -18.84 -10.04 7.14
C THR B 41 -17.32 -10.22 7.08
N ILE B 42 -16.61 -9.16 7.48
CA ILE B 42 -15.15 -9.21 7.48
C ILE B 42 -14.66 -10.13 8.60
N GLU B 43 -15.35 -10.13 9.74
CA GLU B 43 -14.96 -11.05 10.81
C GLU B 43 -15.19 -12.50 10.41
N ASN B 44 -16.23 -12.77 9.61
CA ASN B 44 -16.42 -14.09 9.05
C ASN B 44 -15.22 -14.49 8.19
N VAL B 45 -14.74 -13.56 7.35
CA VAL B 45 -13.59 -13.83 6.51
C VAL B 45 -12.34 -14.03 7.36
N LYS B 46 -12.18 -13.22 8.40
CA LYS B 46 -11.02 -13.36 9.28
C LYS B 46 -11.06 -14.67 10.07
N ALA B 47 -12.26 -15.17 10.37
CA ALA B 47 -12.37 -16.45 11.05
C ALA B 47 -11.87 -17.59 10.16
N LYS B 48 -12.17 -17.53 8.87
CA LYS B 48 -11.70 -18.56 7.95
C LYS B 48 -10.19 -18.47 7.75
N ILE B 49 -9.62 -17.27 7.76
CA ILE B 49 -8.19 -17.12 7.59
C ILE B 49 -7.45 -17.66 8.81
N GLN B 50 -8.02 -17.52 10.00
CA GLN B 50 -7.38 -18.08 11.20
C GLN B 50 -7.36 -19.60 11.15
N ASP B 51 -8.40 -20.22 10.57
CA ASP B 51 -8.45 -21.67 10.48
C ASP B 51 -7.33 -22.23 9.61
N LYS B 52 -6.91 -21.48 8.59
CA LYS B 52 -5.89 -21.94 7.66
C LYS B 52 -4.50 -21.40 7.98
N GLU B 53 -4.40 -20.17 8.51
CA GLU B 53 -3.12 -19.55 8.78
C GLU B 53 -2.76 -19.48 10.26
N GLY B 54 -3.73 -19.68 11.16
CA GLY B 54 -3.44 -19.61 12.58
C GLY B 54 -3.08 -18.24 13.08
N ILE B 55 -3.58 -17.19 12.45
CA ILE B 55 -3.38 -15.81 12.88
C ILE B 55 -4.68 -15.32 13.49
N PRO B 56 -4.69 -14.82 14.72
CA PRO B 56 -5.94 -14.37 15.33
C PRO B 56 -6.52 -13.21 14.54
N PRO B 57 -7.85 -13.10 14.49
CA PRO B 57 -8.46 -12.00 13.73
C PRO B 57 -7.97 -10.61 14.10
N ASP B 58 -7.76 -10.33 15.39
CA ASP B 58 -7.31 -9.00 15.78
C ASP B 58 -5.88 -8.69 15.34
N GLN B 59 -5.14 -9.70 14.90
CA GLN B 59 -3.81 -9.47 14.33
C GLN B 59 -3.83 -9.31 12.82
N GLN B 60 -4.88 -9.79 12.16
CA GLN B 60 -4.95 -9.74 10.70
C GLN B 60 -5.36 -8.35 10.22
N ARG B 61 -4.71 -7.91 9.15
CA ARG B 61 -5.13 -6.73 8.40
C ARG B 61 -5.24 -7.13 6.94
N LEU B 62 -6.40 -6.87 6.34
CA LEU B 62 -6.68 -7.26 4.97
C LEU B 62 -6.81 -6.00 4.12
N ILE B 63 -6.02 -5.91 3.05
CA ILE B 63 -6.00 -4.77 2.16
C ILE B 63 -6.62 -5.16 0.82
N PHE B 64 -7.48 -4.29 0.30
CA PHE B 64 -8.05 -4.48 -1.04
C PHE B 64 -8.31 -3.10 -1.63
N ALA B 65 -7.75 -2.86 -2.82
CA ALA B 65 -7.92 -1.60 -3.53
C ALA B 65 -7.53 -0.41 -2.65
N GLY B 66 -6.47 -0.59 -1.86
CA GLY B 66 -5.99 0.45 -0.98
C GLY B 66 -6.74 0.60 0.33
N LYS B 67 -7.85 -0.09 0.51
CA LYS B 67 -8.63 -0.01 1.73
C LYS B 67 -8.31 -1.17 2.65
N GLN B 68 -8.24 -0.89 3.95
CA GLN B 68 -8.14 -1.94 4.95
C GLN B 68 -9.55 -2.35 5.36
N LEU B 69 -9.87 -3.63 5.17
CA LEU B 69 -11.21 -4.12 5.49
C LEU B 69 -11.45 -4.02 6.99
N GLU B 70 -12.57 -3.41 7.36
CA GLU B 70 -12.92 -3.19 8.76
C GLU B 70 -14.01 -4.15 9.19
N ASP B 71 -14.05 -4.42 10.49
CA ASP B 71 -14.79 -5.56 11.01
C ASP B 71 -16.28 -5.49 10.65
N GLY B 72 -16.98 -4.48 11.16
CA GLY B 72 -18.44 -4.46 11.08
C GLY B 72 -19.09 -4.43 9.71
N ARG B 73 -18.31 -4.60 8.64
CA ARG B 73 -18.81 -4.45 7.28
C ARG B 73 -18.76 -5.78 6.53
N THR B 74 -19.34 -5.78 5.33
CA THR B 74 -19.41 -6.95 4.48
C THR B 74 -18.46 -6.82 3.31
N LEU B 75 -18.25 -7.95 2.62
CA LEU B 75 -17.43 -7.95 1.40
C LEU B 75 -18.05 -7.08 0.33
N SER B 76 -19.38 -7.06 0.24
CA SER B 76 -20.05 -6.25 -0.77
C SER B 76 -19.84 -4.76 -0.52
N ASP B 77 -19.65 -4.35 0.73
CA ASP B 77 -19.38 -2.95 1.03
C ASP B 77 -18.10 -2.46 0.38
N TYR B 78 -17.17 -3.35 0.06
CA TYR B 78 -15.90 -2.99 -0.55
C TYR B 78 -15.84 -3.30 -2.04
N ASN B 79 -16.94 -3.77 -2.63
CA ASN B 79 -17.00 -4.13 -4.05
C ASN B 79 -16.01 -5.25 -4.38
N ILE B 80 -15.95 -6.24 -3.51
CA ILE B 80 -15.07 -7.39 -3.70
C ILE B 80 -15.83 -8.43 -4.51
N GLN B 81 -15.37 -8.68 -5.73
CA GLN B 81 -16.02 -9.60 -6.65
C GLN B 81 -15.28 -10.93 -6.69
N LYS B 82 -15.76 -11.83 -7.56
CA LYS B 82 -15.19 -13.16 -7.66
C LYS B 82 -13.72 -13.10 -8.05
N GLU B 83 -12.92 -13.95 -7.41
CA GLU B 83 -11.51 -14.15 -7.72
C GLU B 83 -10.67 -12.89 -7.47
N SER B 84 -11.20 -11.92 -6.73
CA SER B 84 -10.38 -10.83 -6.23
C SER B 84 -9.42 -11.37 -5.18
N THR B 85 -8.38 -10.59 -4.88
CA THR B 85 -7.34 -10.99 -3.95
C THR B 85 -7.27 -9.99 -2.80
N LEU B 86 -7.44 -10.48 -1.59
CA LEU B 86 -7.18 -9.71 -0.39
C LEU B 86 -5.74 -9.94 0.06
N HIS B 87 -5.09 -8.88 0.53
CA HIS B 87 -3.67 -8.91 0.86
C HIS B 87 -3.50 -8.86 2.37
N LEU B 88 -3.03 -9.98 2.94
CA LEU B 88 -2.93 -10.12 4.39
C LEU B 88 -1.59 -9.62 4.90
N VAL B 89 -1.63 -8.74 5.91
CA VAL B 89 -0.45 -8.16 6.51
C VAL B 89 -0.65 -8.06 8.01
N LEU B 90 0.45 -8.01 8.75
CA LEU B 90 0.40 -7.84 10.19
C LEU B 90 0.87 -6.43 10.57
N ARG B 91 1.43 -6.30 11.77
CA ARG B 91 1.73 -4.99 12.35
C ARG B 91 3.16 -4.96 12.88
N LEU B 92 3.87 -3.90 12.56
CA LEU B 92 5.16 -3.58 13.17
C LEU B 92 4.95 -2.41 14.10
N ARG B 93 5.12 -2.63 15.40
CA ARG B 93 4.95 -1.58 16.39
C ARG B 93 6.14 -1.52 17.33
#